data_3KJG
#
_entry.id   3KJG
#
_cell.length_a   36.690
_cell.length_b   241.190
_cell.length_c   72.850
_cell.angle_alpha   90.000
_cell.angle_beta   90.000
_cell.angle_gamma   90.000
#
_symmetry.space_group_name_H-M   'P 21 21 2'
#
loop_
_entity.id
_entity.type
_entity.pdbx_description
1 polymer 'CO dehydrogenase/acetyl-CoA synthase complex, accessory protein CooC'
2 non-polymer "ADENOSINE-5'-DIPHOSPHATE"
3 water water
#
_entity_poly.entity_id   1
_entity_poly.type   'polypeptide(L)'
_entity_poly.pdbx_seq_one_letter_code
;MKLAVAGKGGVGKTTVAAGLIKIMASDYDKIYAVDGDPDSCLGQTLGLSIEEAYAITPLIEMKDEIREKTGDGGLLILNP
KVDGDLDKYGRYIDDKIFLIRMGEIKKGGSQCYCRENSFLGSVVSALFLDKKEAVVMDMGAGIEHLTRGTAKAVDMMIAV
IEPNLNSIKTGLNIEKLAGDLGIKKVRYVINKVRNIKEEKLIKKHLPEDKILGIIPYNELFIELSLKGEEIWQSTNPAFV
NLHDIYQKLRLEVG
;
_entity_poly.pdbx_strand_id   A,B
#
loop_
_chem_comp.id
_chem_comp.type
_chem_comp.name
_chem_comp.formula
ADP non-polymer ADENOSINE-5'-DIPHOSPHATE 'C10 H15 N5 O10 P2'
#
# COMPACT_ATOMS: atom_id res chain seq x y z
N MET A 1 7.64 3.38 17.30
CA MET A 1 7.13 4.50 16.45
C MET A 1 6.30 5.46 17.28
N LYS A 2 6.56 6.75 17.10
CA LYS A 2 5.86 7.80 17.82
C LYS A 2 5.13 8.70 16.82
N LEU A 3 3.80 8.69 16.87
CA LEU A 3 3.01 9.51 15.94
C LEU A 3 2.12 10.51 16.65
N ALA A 4 1.94 11.66 16.01
CA ALA A 4 1.08 12.72 16.53
C ALA A 4 0.06 12.96 15.42
N VAL A 5 -1.20 13.13 15.79
CA VAL A 5 -2.26 13.36 14.82
C VAL A 5 -2.96 14.64 15.22
N ALA A 6 -2.87 15.67 14.39
CA ALA A 6 -3.48 16.94 14.70
C ALA A 6 -4.48 17.40 13.63
N GLY A 7 -5.42 18.24 14.06
CA GLY A 7 -6.42 18.76 13.14
C GLY A 7 -7.50 19.53 13.87
N LYS A 8 -8.00 20.59 13.25
CA LYS A 8 -9.05 21.38 13.87
C LYS A 8 -10.21 20.44 14.16
N GLY A 9 -11.00 20.77 15.18
CA GLY A 9 -12.12 19.92 15.53
C GLY A 9 -13.13 19.73 14.41
N GLY A 10 -13.58 18.49 14.22
CA GLY A 10 -14.56 18.22 13.19
C GLY A 10 -13.96 17.65 11.92
N VAL A 11 -12.65 17.77 11.78
CA VAL A 11 -11.99 17.27 10.59
C VAL A 11 -11.94 15.74 10.53
N GLY A 12 -12.16 15.08 11.67
CA GLY A 12 -12.13 13.63 11.74
C GLY A 12 -10.79 13.13 12.27
N LYS A 13 -10.06 14.05 12.87
CA LYS A 13 -8.74 13.79 13.43
C LYS A 13 -8.74 12.57 14.39
N THR A 14 -9.73 12.52 15.28
CA THR A 14 -9.83 11.43 16.24
C THR A 14 -10.10 10.11 15.54
N THR A 15 -10.93 10.16 14.49
CA THR A 15 -11.28 8.97 13.74
C THR A 15 -10.05 8.42 13.03
N VAL A 16 -9.24 9.30 12.48
CA VAL A 16 -8.03 8.86 11.81
C VAL A 16 -7.05 8.26 12.81
N ALA A 17 -6.84 8.92 13.94
CA ALA A 17 -5.92 8.43 14.97
C ALA A 17 -6.35 7.03 15.42
N ALA A 18 -7.65 6.85 15.66
CA ALA A 18 -8.15 5.55 16.08
C ALA A 18 -7.88 4.49 15.01
N GLY A 19 -8.05 4.87 13.74
CA GLY A 19 -7.82 3.92 12.67
C GLY A 19 -6.40 3.43 12.60
N LEU A 20 -5.46 4.36 12.72
CA LEU A 20 -4.05 4.02 12.67
C LEU A 20 -3.71 3.15 13.87
N ILE A 21 -4.31 3.46 15.02
CA ILE A 21 -4.07 2.69 16.22
C ILE A 21 -4.55 1.27 15.99
N LYS A 22 -5.77 1.14 15.46
CA LYS A 22 -6.33 -0.17 15.19
C LYS A 22 -5.41 -0.98 14.26
N ILE A 23 -4.99 -0.37 13.15
CA ILE A 23 -4.15 -1.08 12.20
C ILE A 23 -2.73 -1.41 12.65
N MET A 24 -2.08 -0.51 13.38
CA MET A 24 -0.73 -0.82 13.81
C MET A 24 -0.68 -1.66 15.08
N ALA A 25 -1.84 -1.95 15.64
CA ALA A 25 -1.91 -2.76 16.84
C ALA A 25 -1.45 -4.19 16.58
N SER A 26 -1.09 -4.49 15.34
CA SER A 26 -0.67 -5.85 15.01
C SER A 26 0.80 -5.90 14.62
N ASP A 27 1.44 -4.74 14.53
CA ASP A 27 2.85 -4.71 14.17
C ASP A 27 3.66 -4.37 15.41
N TYR A 28 2.97 -4.19 16.53
CA TYR A 28 3.60 -3.87 17.80
C TYR A 28 2.95 -4.68 18.90
N ASP A 29 3.70 -4.92 19.98
CA ASP A 29 3.19 -5.70 21.11
C ASP A 29 2.48 -4.82 22.12
N LYS A 30 2.49 -3.51 21.88
CA LYS A 30 1.82 -2.58 22.76
C LYS A 30 1.80 -1.22 22.10
N ILE A 31 0.71 -0.49 22.29
CA ILE A 31 0.58 0.84 21.71
C ILE A 31 -0.07 1.77 22.70
N TYR A 32 0.54 2.93 22.92
CA TYR A 32 -0.03 3.90 23.82
C TYR A 32 -0.98 4.80 23.04
N ALA A 33 -2.27 4.61 23.26
CA ALA A 33 -3.26 5.45 22.61
C ALA A 33 -3.40 6.60 23.58
N VAL A 34 -3.06 7.79 23.14
CA VAL A 34 -3.12 8.95 24.01
C VAL A 34 -4.11 9.99 23.50
N ASP A 35 -5.18 10.20 24.25
CA ASP A 35 -6.20 11.16 23.88
C ASP A 35 -5.82 12.54 24.42
N GLY A 36 -5.21 13.33 23.55
CA GLY A 36 -4.81 14.67 23.95
C GLY A 36 -5.80 15.72 23.49
N ASP A 37 -7.04 15.31 23.27
CA ASP A 37 -8.10 16.24 22.83
C ASP A 37 -9.41 15.94 23.56
N PRO A 38 -9.78 16.79 24.53
CA PRO A 38 -10.98 16.69 25.35
C PRO A 38 -12.30 16.72 24.58
N ASP A 39 -12.35 17.51 23.53
CA ASP A 39 -13.56 17.65 22.72
C ASP A 39 -14.07 16.39 22.05
N SER A 40 -13.18 15.41 21.84
CA SER A 40 -13.58 14.15 21.24
C SER A 40 -12.99 12.99 22.05
N CYS A 41 -13.69 11.85 22.05
CA CYS A 41 -13.25 10.71 22.82
C CYS A 41 -12.56 9.62 22.01
N LEU A 42 -11.23 9.58 22.11
CA LEU A 42 -10.43 8.59 21.39
C LEU A 42 -10.89 7.21 21.85
N GLY A 43 -11.27 7.13 23.12
CA GLY A 43 -11.74 5.88 23.69
C GLY A 43 -12.97 5.32 23.01
N GLN A 44 -14.05 6.09 23.00
CA GLN A 44 -15.26 5.62 22.35
C GLN A 44 -14.99 5.30 20.88
N THR A 45 -14.28 6.20 20.20
CA THR A 45 -13.96 6.00 18.80
C THR A 45 -13.18 4.71 18.61
N LEU A 46 -12.50 4.28 19.66
CA LEU A 46 -11.71 3.06 19.62
C LEU A 46 -12.58 1.85 19.93
N GLY A 47 -13.82 2.09 20.36
CA GLY A 47 -14.73 0.99 20.65
C GLY A 47 -15.23 0.91 22.07
N LEU A 48 -14.75 1.77 22.95
CA LEU A 48 -15.18 1.75 24.33
C LEU A 48 -16.56 2.40 24.46
N SER A 49 -17.31 1.98 25.47
CA SER A 49 -18.62 2.54 25.72
C SER A 49 -18.41 3.82 26.50
N ILE A 50 -19.42 4.69 26.50
CA ILE A 50 -19.29 5.95 27.21
C ILE A 50 -19.00 5.73 28.70
N GLU A 51 -19.30 4.53 29.20
CA GLU A 51 -19.05 4.23 30.60
C GLU A 51 -17.62 3.77 30.83
N GLU A 52 -17.13 2.90 29.96
CA GLU A 52 -15.77 2.40 30.07
C GLU A 52 -14.75 3.51 29.88
N ALA A 53 -15.09 4.49 29.04
CA ALA A 53 -14.18 5.59 28.78
C ALA A 53 -14.12 6.58 29.93
N TYR A 54 -15.28 6.95 30.44
CA TYR A 54 -15.35 7.89 31.55
C TYR A 54 -14.58 7.34 32.75
N ALA A 55 -14.70 6.04 32.96
CA ALA A 55 -14.04 5.38 34.06
C ALA A 55 -12.53 5.54 33.99
N ILE A 56 -12.00 5.71 32.78
CA ILE A 56 -10.56 5.89 32.62
C ILE A 56 -10.25 7.35 32.92
N THR A 57 -10.06 7.63 34.21
CA THR A 57 -9.78 8.99 34.69
C THR A 57 -8.69 9.75 33.94
N PRO A 58 -8.97 11.00 33.57
CA PRO A 58 -8.07 11.89 32.83
C PRO A 58 -6.93 12.42 33.71
N LEU A 59 -5.73 12.38 33.16
CA LEU A 59 -4.52 12.86 33.84
C LEU A 59 -4.77 14.12 34.65
N ILE A 60 -5.43 15.09 34.02
CA ILE A 60 -5.72 16.37 34.63
C ILE A 60 -6.59 16.25 35.89
N GLU A 61 -7.27 15.13 36.05
CA GLU A 61 -8.15 14.97 37.21
C GLU A 61 -7.61 14.09 38.33
N MET A 62 -6.39 13.60 38.19
CA MET A 62 -5.80 12.78 39.24
C MET A 62 -5.19 13.76 40.24
N LYS A 63 -6.04 14.61 40.81
CA LYS A 63 -5.63 15.63 41.75
C LYS A 63 -4.71 15.19 42.89
N ASP A 64 -4.76 13.91 43.24
CA ASP A 64 -3.91 13.41 44.32
C ASP A 64 -2.53 13.06 43.79
N GLU A 65 -2.49 12.35 42.67
CA GLU A 65 -1.21 11.98 42.10
C GLU A 65 -0.46 13.22 41.64
N ILE A 66 -1.21 14.28 41.34
CA ILE A 66 -0.60 15.52 40.90
C ILE A 66 0.09 16.19 42.07
N ARG A 67 -0.60 16.20 43.22
CA ARG A 67 -0.03 16.79 44.41
C ARG A 67 1.21 16.02 44.84
N GLU A 68 1.14 14.69 44.78
CA GLU A 68 2.26 13.86 45.18
C GLU A 68 3.47 13.90 44.26
N LYS A 69 3.23 14.08 42.97
CA LYS A 69 4.33 14.10 42.02
C LYS A 69 5.03 15.46 41.92
N THR A 70 4.32 16.53 42.26
CA THR A 70 4.92 17.86 42.19
C THR A 70 5.20 18.43 43.58
N GLY A 71 5.39 17.55 44.56
CA GLY A 71 5.65 17.98 45.93
C GLY A 71 4.38 18.55 46.54
N ASP A 72 4.21 18.45 47.85
CA ASP A 72 3.00 19.00 48.47
C ASP A 72 3.20 19.76 49.76
N GLY A 73 2.46 20.84 49.92
CA GLY A 73 2.54 21.67 51.11
C GLY A 73 3.90 22.29 51.30
N GLY A 74 4.94 21.46 51.29
CA GLY A 74 6.28 21.95 51.47
C GLY A 74 7.03 22.19 50.18
N LEU A 75 7.48 21.10 49.55
CA LEU A 75 8.24 21.20 48.31
C LEU A 75 7.41 21.56 47.09
N LEU A 76 8.11 21.60 45.96
CA LEU A 76 7.55 21.88 44.65
C LEU A 76 8.59 21.25 43.71
N ILE A 77 8.19 20.21 43.00
CA ILE A 77 9.08 19.52 42.07
C ILE A 77 8.76 19.94 40.64
N LEU A 78 9.53 20.90 40.13
CA LEU A 78 9.36 21.45 38.80
C LEU A 78 9.47 20.42 37.68
N ASN A 79 10.13 19.30 37.99
CA ASN A 79 10.36 18.23 37.02
C ASN A 79 9.82 16.89 37.52
N PRO A 80 8.49 16.77 37.68
CA PRO A 80 7.90 15.51 38.16
C PRO A 80 8.46 14.31 37.41
N LYS A 81 8.68 13.21 38.12
CA LYS A 81 9.22 11.99 37.50
C LYS A 81 8.08 10.97 37.37
N VAL A 82 7.90 10.45 36.16
CA VAL A 82 6.84 9.48 35.92
C VAL A 82 7.23 8.49 34.83
N ASP A 83 7.47 7.24 35.21
CA ASP A 83 7.84 6.22 34.26
C ASP A 83 7.13 4.90 34.50
N GLY A 84 7.70 4.07 35.37
CA GLY A 84 7.08 2.78 35.65
C GLY A 84 5.63 2.95 36.08
N ASP A 85 5.30 4.15 36.57
CA ASP A 85 3.96 4.44 37.03
C ASP A 85 2.98 4.97 35.98
N LEU A 86 3.25 4.69 34.70
CA LEU A 86 2.37 5.12 33.61
C LEU A 86 1.13 4.26 33.56
N ASP A 87 1.32 2.95 33.62
CA ASP A 87 0.23 1.98 33.57
C ASP A 87 -0.81 2.17 34.67
N LYS A 88 -0.63 3.21 35.47
CA LYS A 88 -1.56 3.49 36.55
C LYS A 88 -2.40 4.68 36.13
N TYR A 89 -2.03 5.27 35.00
CA TYR A 89 -2.73 6.44 34.49
C TYR A 89 -3.73 6.12 33.39
N GLY A 90 -3.89 4.85 33.06
CA GLY A 90 -4.84 4.48 32.02
C GLY A 90 -5.35 3.07 32.16
N ARG A 91 -5.86 2.51 31.05
CA ARG A 91 -6.38 1.15 31.04
C ARG A 91 -6.07 0.48 29.74
N TYR A 92 -5.87 -0.83 29.79
CA TYR A 92 -5.62 -1.57 28.58
C TYR A 92 -7.00 -1.76 27.97
N ILE A 93 -7.12 -1.52 26.67
CA ILE A 93 -8.38 -1.69 25.98
C ILE A 93 -8.44 -3.17 25.64
N ASP A 94 -7.27 -3.73 25.38
CA ASP A 94 -7.10 -5.14 25.06
C ASP A 94 -5.64 -5.50 25.25
N ASP A 95 -5.25 -6.68 24.78
CA ASP A 95 -3.87 -7.14 24.93
C ASP A 95 -2.81 -6.30 24.22
N LYS A 96 -3.22 -5.21 23.56
CA LYS A 96 -2.25 -4.38 22.83
C LYS A 96 -2.33 -2.88 23.04
N ILE A 97 -3.54 -2.36 23.13
CA ILE A 97 -3.73 -0.92 23.24
C ILE A 97 -3.98 -0.37 24.63
N PHE A 98 -3.09 0.51 25.07
CA PHE A 98 -3.22 1.14 26.38
C PHE A 98 -3.67 2.56 26.13
N LEU A 99 -4.74 2.96 26.79
CA LEU A 99 -5.27 4.29 26.62
C LEU A 99 -5.06 5.23 27.79
N ILE A 100 -4.58 6.44 27.49
CA ILE A 100 -4.35 7.47 28.49
C ILE A 100 -5.12 8.67 27.99
N ARG A 101 -5.92 9.27 28.87
CA ARG A 101 -6.69 10.43 28.49
C ARG A 101 -6.09 11.63 29.20
N MET A 102 -5.59 12.58 28.42
CA MET A 102 -4.95 13.76 28.99
C MET A 102 -5.84 14.61 29.87
N GLY A 103 -7.04 14.92 29.37
CA GLY A 103 -7.94 15.77 30.13
C GLY A 103 -7.62 17.19 29.71
N GLU A 104 -8.62 18.07 29.73
CA GLU A 104 -8.42 19.44 29.30
C GLU A 104 -7.51 20.28 30.19
N ILE A 105 -6.59 20.98 29.53
CA ILE A 105 -5.64 21.86 30.21
C ILE A 105 -6.40 23.11 30.66
N LYS A 106 -5.81 23.90 31.53
CA LYS A 106 -6.46 25.11 32.02
C LYS A 106 -5.48 26.27 32.10
N LYS A 107 -5.98 27.42 32.54
CA LYS A 107 -5.16 28.62 32.68
C LYS A 107 -5.47 29.30 34.03
N GLY A 108 -6.76 29.36 34.35
CA GLY A 108 -7.20 29.97 35.60
C GLY A 108 -6.60 31.34 35.88
N GLY A 109 -6.20 31.56 37.12
CA GLY A 109 -5.61 32.84 37.49
C GLY A 109 -5.23 32.91 38.96
N SER A 110 -3.92 32.81 39.22
CA SER A 110 -3.39 32.91 40.58
C SER A 110 -4.10 32.05 41.65
N GLN A 111 -4.41 30.81 41.34
CA GLN A 111 -5.07 29.93 42.31
C GLN A 111 -4.30 28.63 42.54
N CYS A 112 -4.47 27.63 41.67
CA CYS A 112 -3.74 26.37 41.75
C CYS A 112 -3.10 26.33 40.36
N TYR A 113 -1.95 27.01 40.18
CA TYR A 113 -1.27 27.13 38.87
C TYR A 113 -0.01 26.31 38.56
N CYS A 114 0.09 25.95 37.27
CA CYS A 114 1.21 25.20 36.68
C CYS A 114 1.45 23.76 37.11
N ARG A 115 1.07 23.41 38.34
CA ARG A 115 1.31 22.05 38.81
C ARG A 115 0.85 20.93 37.91
N GLU A 116 -0.45 20.82 37.69
CA GLU A 116 -1.02 19.79 36.85
C GLU A 116 -0.45 19.78 35.42
N ASN A 117 -0.14 20.94 34.89
CA ASN A 117 0.44 21.02 33.56
C ASN A 117 1.82 20.36 33.54
N SER A 118 2.63 20.56 34.58
CA SER A 118 3.94 19.92 34.64
C SER A 118 3.71 18.40 34.78
N PHE A 119 2.55 18.02 35.31
CA PHE A 119 2.21 16.60 35.46
C PHE A 119 1.95 16.00 34.08
N LEU A 120 1.04 16.60 33.32
CA LEU A 120 0.72 16.09 31.99
C LEU A 120 1.98 16.12 31.12
N GLY A 121 2.73 17.22 31.24
CA GLY A 121 3.96 17.36 30.48
C GLY A 121 4.91 16.21 30.74
N SER A 122 5.03 15.83 32.00
CA SER A 122 5.91 14.73 32.39
C SER A 122 5.44 13.45 31.73
N VAL A 123 4.12 13.25 31.72
CA VAL A 123 3.54 12.04 31.12
C VAL A 123 3.86 12.02 29.63
N VAL A 124 3.50 13.09 28.93
CA VAL A 124 3.77 13.18 27.49
C VAL A 124 5.24 12.95 27.21
N SER A 125 6.10 13.67 27.94
CA SER A 125 7.55 13.58 27.78
C SER A 125 8.07 12.18 28.02
N ALA A 126 7.51 11.51 29.02
CA ALA A 126 7.93 10.15 29.34
C ALA A 126 7.47 9.21 28.24
N LEU A 127 6.27 9.44 27.73
CA LEU A 127 5.71 8.62 26.66
C LEU A 127 6.54 8.65 25.39
N PHE A 128 6.99 9.84 25.04
CA PHE A 128 7.77 10.04 23.82
C PHE A 128 9.28 9.82 23.94
N LEU A 129 9.87 10.26 25.05
CA LEU A 129 11.31 10.11 25.22
C LEU A 129 11.72 8.84 25.96
N ASP A 130 11.16 8.64 27.15
CA ASP A 130 11.51 7.48 27.95
C ASP A 130 10.96 6.14 27.48
N LYS A 131 9.71 6.09 27.02
CA LYS A 131 9.13 4.82 26.58
C LYS A 131 9.61 4.44 25.18
N LYS A 132 9.60 3.15 24.89
CA LYS A 132 10.07 2.65 23.61
C LYS A 132 8.95 2.13 22.69
N GLU A 133 7.84 1.70 23.28
CA GLU A 133 6.74 1.17 22.48
C GLU A 133 5.98 2.24 21.72
N ALA A 134 5.48 1.86 20.54
CA ALA A 134 4.73 2.77 19.68
C ALA A 134 3.77 3.64 20.46
N VAL A 135 3.66 4.89 20.05
CA VAL A 135 2.77 5.83 20.70
C VAL A 135 2.03 6.61 19.63
N VAL A 136 0.74 6.82 19.85
CA VAL A 136 -0.06 7.58 18.89
C VAL A 136 -0.96 8.53 19.69
N MET A 137 -0.61 9.80 19.64
CA MET A 137 -1.34 10.83 20.36
C MET A 137 -2.06 11.77 19.40
N ASP A 138 -3.33 12.06 19.66
CA ASP A 138 -4.09 12.97 18.82
C ASP A 138 -4.18 14.29 19.59
N MET A 139 -4.39 15.38 18.85
CA MET A 139 -4.45 16.70 19.48
C MET A 139 -5.05 17.68 18.49
N GLY A 140 -5.44 18.85 19.01
CA GLY A 140 -6.02 19.87 18.14
C GLY A 140 -4.99 20.49 17.21
N ALA A 141 -5.37 21.56 16.54
CA ALA A 141 -4.48 22.23 15.59
C ALA A 141 -3.34 22.95 16.28
N GLY A 142 -3.51 23.26 17.56
CA GLY A 142 -2.47 23.96 18.26
C GLY A 142 -1.36 23.05 18.70
N ILE A 143 -1.55 21.74 18.61
CA ILE A 143 -0.55 20.77 19.05
C ILE A 143 0.15 21.23 20.34
N GLU A 144 -0.60 21.87 21.24
CA GLU A 144 -0.04 22.40 22.48
C GLU A 144 0.74 21.42 23.35
N HIS A 145 0.40 20.14 23.28
CA HIS A 145 1.06 19.13 24.08
C HIS A 145 2.51 18.85 23.71
N LEU A 146 2.93 19.23 22.51
CA LEU A 146 4.31 18.99 22.12
C LEU A 146 5.22 20.15 22.46
N THR A 147 6.50 19.83 22.63
CA THR A 147 7.52 20.80 22.98
C THR A 147 8.73 20.48 22.11
N ARG A 148 9.70 21.39 22.05
CA ARG A 148 10.88 21.13 21.26
C ARG A 148 11.55 19.87 21.78
N GLY A 149 11.41 19.65 23.08
CA GLY A 149 12.01 18.49 23.70
C GLY A 149 11.42 17.20 23.16
N THR A 150 10.10 17.13 23.09
CA THR A 150 9.44 15.92 22.59
C THR A 150 9.41 15.88 21.06
N ALA A 151 9.29 17.05 20.43
CA ALA A 151 9.25 17.14 18.98
C ALA A 151 10.35 16.33 18.31
N LYS A 152 11.53 16.33 18.91
CA LYS A 152 12.66 15.58 18.37
C LYS A 152 12.39 14.08 18.33
N ALA A 153 11.45 13.62 19.16
CA ALA A 153 11.12 12.20 19.22
C ALA A 153 9.89 11.82 18.37
N VAL A 154 9.21 12.81 17.81
CA VAL A 154 8.04 12.52 16.97
C VAL A 154 8.46 12.13 15.55
N ASP A 155 8.24 10.85 15.21
CA ASP A 155 8.59 10.36 13.88
C ASP A 155 7.79 11.05 12.79
N MET A 156 6.54 11.39 13.10
CA MET A 156 5.71 12.06 12.12
C MET A 156 4.49 12.75 12.70
N MET A 157 4.25 13.96 12.22
CA MET A 157 3.11 14.75 12.62
C MET A 157 2.15 14.61 11.45
N ILE A 158 0.96 14.07 11.71
CA ILE A 158 -0.04 13.88 10.66
C ILE A 158 -1.14 14.93 10.79
N ALA A 159 -1.19 15.84 9.81
CA ALA A 159 -2.18 16.89 9.81
C ALA A 159 -3.41 16.43 9.06
N VAL A 160 -4.54 16.34 9.76
CA VAL A 160 -5.77 15.92 9.13
C VAL A 160 -6.56 17.14 8.67
N ILE A 161 -6.81 17.23 7.37
CA ILE A 161 -7.55 18.36 6.85
C ILE A 161 -8.68 17.90 5.94
N GLU A 162 -9.59 18.83 5.67
CA GLU A 162 -10.69 18.57 4.77
C GLU A 162 -10.33 19.32 3.48
N PRO A 163 -10.88 18.90 2.35
CA PRO A 163 -10.60 19.52 1.04
C PRO A 163 -11.21 20.91 0.77
N ASN A 164 -10.70 21.93 1.44
CA ASN A 164 -11.15 23.30 1.23
C ASN A 164 -10.06 24.28 1.69
N LEU A 165 -10.07 25.47 1.11
CA LEU A 165 -9.06 26.48 1.44
C LEU A 165 -8.81 26.68 2.93
N ASN A 166 -9.83 27.06 3.69
CA ASN A 166 -9.68 27.27 5.12
C ASN A 166 -8.90 26.12 5.76
N SER A 167 -9.49 24.92 5.72
CA SER A 167 -8.90 23.72 6.29
C SER A 167 -7.49 23.45 5.77
N ILE A 168 -7.28 23.66 4.48
CA ILE A 168 -5.96 23.44 3.92
C ILE A 168 -4.98 24.41 4.58
N LYS A 169 -5.47 25.62 4.87
CA LYS A 169 -4.65 26.63 5.50
C LYS A 169 -4.28 26.17 6.90
N THR A 170 -5.27 25.64 7.63
CA THR A 170 -5.04 25.14 8.98
C THR A 170 -3.98 24.05 8.91
N GLY A 171 -4.06 23.20 7.90
CA GLY A 171 -3.09 22.15 7.75
C GLY A 171 -1.71 22.76 7.64
N LEU A 172 -1.60 23.79 6.81
CA LEU A 172 -0.34 24.49 6.61
C LEU A 172 0.11 25.12 7.93
N ASN A 173 -0.85 25.63 8.70
CA ASN A 173 -0.53 26.22 10.01
C ASN A 173 0.18 25.14 10.83
N ILE A 174 -0.49 24.00 10.95
CA ILE A 174 0.03 22.87 11.70
C ILE A 174 1.43 22.51 11.21
N GLU A 175 1.64 22.55 9.90
CA GLU A 175 2.95 22.23 9.34
C GLU A 175 4.01 23.21 9.84
N LYS A 176 3.63 24.48 9.96
CA LYS A 176 4.50 25.55 10.43
C LYS A 176 4.88 25.28 11.89
N LEU A 177 3.87 25.28 12.76
CA LEU A 177 4.08 25.02 14.19
C LEU A 177 4.95 23.80 14.40
N ALA A 178 4.53 22.68 13.82
CA ALA A 178 5.29 21.44 13.94
C ALA A 178 6.74 21.67 13.54
N GLY A 179 6.94 22.36 12.42
CA GLY A 179 8.28 22.64 11.94
C GLY A 179 9.08 23.46 12.92
N ASP A 180 8.55 24.65 13.26
CA ASP A 180 9.20 25.53 14.21
C ASP A 180 9.62 24.74 15.44
N LEU A 181 8.76 23.82 15.84
CA LEU A 181 9.00 23.00 17.01
C LEU A 181 10.12 21.99 16.85
N GLY A 182 10.46 21.66 15.61
CA GLY A 182 11.54 20.72 15.39
C GLY A 182 11.15 19.35 14.91
N ILE A 183 9.87 19.16 14.56
CA ILE A 183 9.42 17.87 14.04
C ILE A 183 9.85 17.82 12.57
N LYS A 184 10.55 16.76 12.20
CA LYS A 184 11.04 16.64 10.83
C LYS A 184 9.99 16.31 9.77
N LYS A 185 9.09 15.37 10.06
CA LYS A 185 8.09 14.97 9.08
C LYS A 185 6.65 15.36 9.37
N VAL A 186 6.07 16.13 8.46
CA VAL A 186 4.68 16.55 8.57
C VAL A 186 3.99 16.08 7.30
N ARG A 187 3.05 15.14 7.45
CA ARG A 187 2.31 14.62 6.31
C ARG A 187 0.82 14.89 6.50
N TYR A 188 0.08 14.89 5.39
CA TYR A 188 -1.35 15.17 5.43
C TYR A 188 -2.25 13.98 5.13
N VAL A 189 -3.44 14.04 5.70
CA VAL A 189 -4.45 13.04 5.47
C VAL A 189 -5.70 13.86 5.23
N ILE A 190 -6.16 13.85 3.98
CA ILE A 190 -7.34 14.61 3.63
C ILE A 190 -8.51 13.69 3.92
N ASN A 191 -9.40 14.11 4.82
CA ASN A 191 -10.53 13.29 5.17
C ASN A 191 -11.81 13.89 4.66
N LYS A 192 -12.85 13.06 4.54
CA LYS A 192 -14.15 13.52 4.09
C LYS A 192 -14.15 14.15 2.69
N VAL A 193 -13.43 13.58 1.73
CA VAL A 193 -13.48 14.15 0.39
C VAL A 193 -14.75 13.57 -0.22
N ARG A 194 -15.57 14.42 -0.81
CA ARG A 194 -16.84 13.96 -1.38
C ARG A 194 -16.92 13.94 -2.89
N ASN A 195 -16.06 14.70 -3.56
CA ASN A 195 -16.09 14.74 -5.02
C ASN A 195 -14.71 14.90 -5.61
N ILE A 196 -14.61 14.75 -6.92
CA ILE A 196 -13.33 14.87 -7.59
C ILE A 196 -12.77 16.28 -7.61
N LYS A 197 -13.67 17.26 -7.58
CA LYS A 197 -13.26 18.67 -7.60
C LYS A 197 -12.38 18.88 -6.37
N GLU A 198 -12.86 18.41 -5.22
CA GLU A 198 -12.11 18.55 -3.97
C GLU A 198 -10.70 17.94 -4.11
N GLU A 199 -10.61 16.76 -4.70
CA GLU A 199 -9.31 16.12 -4.87
C GLU A 199 -8.37 16.99 -5.70
N LYS A 200 -8.92 17.71 -6.68
CA LYS A 200 -8.09 18.57 -7.51
C LYS A 200 -7.65 19.79 -6.70
N LEU A 201 -8.56 20.35 -5.93
CA LEU A 201 -8.23 21.50 -5.11
C LEU A 201 -7.04 21.17 -4.22
N ILE A 202 -7.06 19.97 -3.64
CA ILE A 202 -6.01 19.50 -2.76
C ILE A 202 -4.69 19.49 -3.51
N LYS A 203 -4.66 18.83 -4.65
CA LYS A 203 -3.42 18.74 -5.42
C LYS A 203 -2.91 20.08 -5.88
N LYS A 204 -3.79 21.08 -5.98
CA LYS A 204 -3.37 22.40 -6.43
C LYS A 204 -2.70 23.24 -5.33
N HIS A 205 -2.84 22.81 -4.09
CA HIS A 205 -2.23 23.54 -2.97
C HIS A 205 -1.23 22.74 -2.16
N LEU A 206 -1.33 21.41 -2.22
CA LEU A 206 -0.42 20.56 -1.47
C LEU A 206 0.37 19.65 -2.37
N PRO A 207 1.69 19.53 -2.14
CA PRO A 207 2.53 18.67 -2.98
C PRO A 207 2.19 17.21 -2.72
N GLU A 208 2.46 16.36 -3.71
CA GLU A 208 2.15 14.94 -3.62
C GLU A 208 2.91 14.16 -2.55
N ASP A 209 4.20 14.44 -2.41
CA ASP A 209 5.02 13.75 -1.42
C ASP A 209 4.61 14.04 0.03
N LYS A 210 3.87 15.12 0.24
CA LYS A 210 3.42 15.48 1.59
C LYS A 210 2.06 14.88 1.94
N ILE A 211 1.47 14.12 1.03
CA ILE A 211 0.16 13.53 1.27
C ILE A 211 0.19 12.03 1.49
N LEU A 212 -0.23 11.62 2.68
CA LEU A 212 -0.26 10.21 3.07
C LEU A 212 -1.40 9.49 2.36
N GLY A 213 -2.58 10.13 2.35
CA GLY A 213 -3.71 9.51 1.70
C GLY A 213 -5.00 10.31 1.84
N ILE A 214 -6.04 9.81 1.20
CA ILE A 214 -7.33 10.45 1.22
C ILE A 214 -8.39 9.51 1.75
N ILE A 215 -9.30 10.04 2.57
CA ILE A 215 -10.38 9.23 3.11
C ILE A 215 -11.70 9.83 2.67
N PRO A 216 -12.49 9.07 1.89
CA PRO A 216 -13.79 9.52 1.40
C PRO A 216 -14.77 9.78 2.52
N TYR A 217 -15.76 10.62 2.22
CA TYR A 217 -16.80 10.90 3.19
C TYR A 217 -17.63 9.62 3.14
N ASN A 218 -18.13 9.16 4.28
CA ASN A 218 -18.93 7.94 4.30
C ASN A 218 -19.91 7.96 5.45
N GLU A 219 -21.17 7.67 5.15
CA GLU A 219 -22.21 7.66 6.17
C GLU A 219 -21.90 6.68 7.29
N LEU A 220 -21.24 5.57 6.95
CA LEU A 220 -20.89 4.55 7.94
C LEU A 220 -20.27 5.14 9.19
N PHE A 221 -19.31 6.04 9.01
CA PHE A 221 -18.64 6.66 10.14
C PHE A 221 -19.62 7.30 11.12
N ILE A 222 -20.76 7.74 10.61
CA ILE A 222 -21.80 8.35 11.45
C ILE A 222 -22.66 7.27 12.13
N GLU A 223 -23.06 6.26 11.37
CA GLU A 223 -23.88 5.18 11.89
C GLU A 223 -23.11 4.32 12.89
N LEU A 224 -21.96 3.81 12.46
CA LEU A 224 -21.15 2.99 13.34
C LEU A 224 -20.79 3.78 14.60
N SER A 225 -20.58 5.08 14.45
CA SER A 225 -20.21 5.92 15.58
C SER A 225 -21.13 5.70 16.79
N LEU A 226 -22.45 5.79 16.57
CA LEU A 226 -23.45 5.64 17.63
C LEU A 226 -24.20 4.32 17.75
N LYS A 227 -23.48 3.19 17.70
CA LYS A 227 -24.08 1.84 17.83
C LYS A 227 -23.03 0.74 17.83
N GLY A 228 -22.45 0.45 16.66
CA GLY A 228 -21.45 -0.59 16.55
C GLY A 228 -20.08 -0.24 17.12
N GLU A 229 -19.58 0.95 16.78
CA GLU A 229 -18.27 1.41 17.26
C GLU A 229 -17.10 0.73 16.54
N GLU A 230 -17.37 -0.42 15.92
CA GLU A 230 -16.32 -1.13 15.19
C GLU A 230 -16.25 -0.44 13.82
N ILE A 231 -16.07 0.88 13.89
CA ILE A 231 -16.01 1.72 12.70
C ILE A 231 -14.79 1.49 11.83
N TRP A 232 -13.84 0.70 12.30
CA TRP A 232 -12.63 0.46 11.52
C TRP A 232 -12.25 -0.97 11.21
N GLN A 233 -13.07 -1.65 10.39
CA GLN A 233 -12.76 -3.02 10.01
C GLN A 233 -13.09 -3.24 8.55
N SER A 234 -12.64 -4.36 7.99
CA SER A 234 -12.88 -4.70 6.59
C SER A 234 -14.28 -4.28 6.18
N THR A 235 -15.19 -4.32 7.15
CA THR A 235 -16.59 -3.94 6.95
C THR A 235 -16.73 -2.54 6.37
N ASN A 236 -15.77 -1.67 6.65
CA ASN A 236 -15.79 -0.30 6.18
C ASN A 236 -14.95 -0.14 4.92
N PRO A 237 -15.56 0.34 3.83
CA PRO A 237 -14.85 0.53 2.54
C PRO A 237 -13.71 1.54 2.63
N ALA A 238 -13.71 2.34 3.69
CA ALA A 238 -12.69 3.35 3.91
C ALA A 238 -11.41 2.72 4.48
N PHE A 239 -11.53 1.48 4.94
CA PHE A 239 -10.38 0.78 5.51
C PHE A 239 -9.29 0.61 4.47
N VAL A 240 -9.69 0.46 3.21
CA VAL A 240 -8.72 0.31 2.13
C VAL A 240 -7.83 1.54 2.13
N ASN A 241 -8.45 2.69 2.32
CA ASN A 241 -7.74 3.95 2.34
C ASN A 241 -6.79 4.06 3.52
N LEU A 242 -7.22 3.57 4.66
CA LEU A 242 -6.41 3.62 5.87
C LEU A 242 -5.17 2.74 5.65
N HIS A 243 -5.39 1.55 5.10
CA HIS A 243 -4.30 0.62 4.80
C HIS A 243 -3.26 1.32 3.94
N ASP A 244 -3.72 1.98 2.88
CA ASP A 244 -2.83 2.70 1.98
C ASP A 244 -2.07 3.76 2.75
N ILE A 245 -2.82 4.57 3.50
CA ILE A 245 -2.23 5.63 4.30
C ILE A 245 -1.15 5.03 5.20
N TYR A 246 -1.51 4.02 5.98
CA TYR A 246 -0.59 3.35 6.89
C TYR A 246 0.66 2.84 6.17
N GLN A 247 0.46 2.11 5.09
CA GLN A 247 1.57 1.57 4.32
C GLN A 247 2.49 2.68 3.84
N LYS A 248 1.89 3.75 3.32
CA LYS A 248 2.67 4.88 2.84
C LYS A 248 3.42 5.47 4.03
N LEU A 249 2.76 5.49 5.19
CA LEU A 249 3.33 6.02 6.41
C LEU A 249 4.61 5.29 6.81
N ARG A 250 4.57 3.96 6.79
CA ARG A 250 5.72 3.15 7.18
C ARG A 250 6.83 3.18 6.14
N LEU A 251 6.51 3.64 4.93
CA LEU A 251 7.52 3.72 3.89
C LEU A 251 8.46 4.85 4.28
N GLU A 252 7.90 5.92 4.82
CA GLU A 252 8.68 7.08 5.20
C GLU A 252 9.33 6.97 6.57
N VAL A 253 8.71 6.24 7.50
CA VAL A 253 9.29 6.10 8.83
C VAL A 253 10.20 4.87 8.92
N GLY A 254 9.61 3.73 9.29
CA GLY A 254 10.38 2.51 9.41
C GLY A 254 9.52 1.30 9.72
N MET B 1 -6.79 -6.60 -10.59
CA MET B 1 -6.08 -6.43 -11.89
C MET B 1 -5.27 -7.67 -12.20
N LYS B 2 -5.69 -8.43 -13.19
CA LYS B 2 -4.99 -9.65 -13.57
C LYS B 2 -4.70 -9.61 -15.05
N LEU B 3 -3.45 -9.41 -15.41
CA LEU B 3 -3.07 -9.33 -16.82
C LEU B 3 -2.14 -10.44 -17.30
N ALA B 4 -2.37 -10.83 -18.54
CA ALA B 4 -1.55 -11.84 -19.17
C ALA B 4 -1.04 -11.15 -20.42
N VAL B 5 0.25 -11.23 -20.65
CA VAL B 5 0.84 -10.62 -21.83
C VAL B 5 1.49 -11.74 -22.58
N ALA B 6 1.14 -11.90 -23.85
CA ALA B 6 1.69 -12.97 -24.67
C ALA B 6 2.08 -12.54 -26.08
N GLY B 7 3.04 -13.24 -26.65
CA GLY B 7 3.49 -12.94 -27.99
C GLY B 7 4.63 -13.89 -28.31
N LYS B 8 5.00 -13.99 -29.58
CA LYS B 8 6.09 -14.87 -29.98
C LYS B 8 7.45 -14.24 -29.69
N GLY B 9 8.44 -15.09 -29.41
CA GLY B 9 9.77 -14.59 -29.11
C GLY B 9 10.28 -13.57 -30.10
N GLY B 10 10.80 -12.47 -29.60
CA GLY B 10 11.34 -11.43 -30.46
C GLY B 10 10.40 -10.29 -30.80
N VAL B 11 9.14 -10.43 -30.42
CA VAL B 11 8.16 -9.38 -30.71
C VAL B 11 8.26 -8.31 -29.65
N GLY B 12 8.99 -8.62 -28.57
CA GLY B 12 9.18 -7.67 -27.48
C GLY B 12 8.04 -7.62 -26.48
N LYS B 13 7.40 -8.75 -26.23
CA LYS B 13 6.30 -8.75 -25.29
C LYS B 13 6.77 -8.70 -23.84
N THR B 14 8.02 -9.08 -23.57
CA THR B 14 8.55 -9.00 -22.21
C THR B 14 8.75 -7.51 -21.93
N THR B 15 9.28 -6.82 -22.93
CA THR B 15 9.54 -5.39 -22.85
C THR B 15 8.23 -4.69 -22.59
N VAL B 16 7.17 -5.15 -23.24
CA VAL B 16 5.86 -4.54 -23.04
C VAL B 16 5.36 -4.81 -21.63
N ALA B 17 5.44 -6.07 -21.22
CA ALA B 17 4.99 -6.46 -19.88
C ALA B 17 5.76 -5.70 -18.81
N ALA B 18 7.08 -5.60 -18.98
CA ALA B 18 7.91 -4.90 -18.00
C ALA B 18 7.47 -3.44 -17.90
N GLY B 19 7.19 -2.84 -19.04
CA GLY B 19 6.77 -1.45 -19.04
C GLY B 19 5.43 -1.28 -18.33
N LEU B 20 4.49 -2.16 -18.63
CA LEU B 20 3.19 -2.07 -18.01
C LEU B 20 3.33 -2.21 -16.51
N ILE B 21 4.25 -3.07 -16.09
CA ILE B 21 4.46 -3.31 -14.67
C ILE B 21 4.99 -2.06 -13.97
N LYS B 22 6.04 -1.46 -14.54
CA LYS B 22 6.64 -0.26 -13.96
C LYS B 22 5.58 0.82 -13.80
N ILE B 23 4.75 0.97 -14.82
CA ILE B 23 3.70 1.97 -14.81
C ILE B 23 2.69 1.75 -13.71
N MET B 24 2.10 0.56 -13.67
CA MET B 24 1.09 0.29 -12.65
C MET B 24 1.65 0.21 -11.25
N ALA B 25 2.97 0.09 -11.15
CA ALA B 25 3.61 0.02 -9.83
C ALA B 25 3.16 1.17 -8.93
N SER B 26 2.95 2.35 -9.51
CA SER B 26 2.55 3.49 -8.70
C SER B 26 1.04 3.60 -8.46
N ASP B 27 0.26 2.70 -9.06
CA ASP B 27 -1.19 2.72 -8.87
C ASP B 27 -1.70 1.62 -7.94
N TYR B 28 -0.86 0.63 -7.65
CA TYR B 28 -1.27 -0.46 -6.77
C TYR B 28 -0.29 -0.64 -5.60
N ASP B 29 -0.79 -1.14 -4.48
CA ASP B 29 0.05 -1.32 -3.31
C ASP B 29 0.99 -2.50 -3.43
N LYS B 30 0.83 -3.27 -4.50
CA LYS B 30 1.65 -4.46 -4.73
C LYS B 30 1.42 -5.03 -6.12
N ILE B 31 2.48 -5.48 -6.77
CA ILE B 31 2.34 -6.08 -8.08
C ILE B 31 3.16 -7.36 -8.20
N TYR B 32 2.52 -8.42 -8.69
CA TYR B 32 3.18 -9.70 -8.91
C TYR B 32 3.63 -9.77 -10.36
N ALA B 33 4.92 -9.59 -10.60
CA ALA B 33 5.46 -9.70 -11.95
C ALA B 33 5.80 -11.17 -12.11
N VAL B 34 5.08 -11.87 -12.98
CA VAL B 34 5.34 -13.30 -13.18
C VAL B 34 5.97 -13.61 -14.53
N ASP B 35 7.23 -14.04 -14.51
CA ASP B 35 7.93 -14.37 -15.73
C ASP B 35 7.57 -15.77 -16.22
N GLY B 36 6.67 -15.86 -17.20
CA GLY B 36 6.26 -17.17 -17.70
C GLY B 36 6.95 -17.61 -18.97
N ASP B 37 8.08 -16.98 -19.30
CA ASP B 37 8.83 -17.30 -20.51
C ASP B 37 10.31 -17.33 -20.15
N PRO B 38 10.93 -18.52 -20.24
CA PRO B 38 12.35 -18.73 -19.93
C PRO B 38 13.31 -18.12 -20.96
N ASP B 39 12.83 -17.96 -22.19
CA ASP B 39 13.64 -17.43 -23.26
C ASP B 39 13.96 -15.94 -23.17
N SER B 40 13.31 -15.25 -22.26
CA SER B 40 13.55 -13.82 -22.08
C SER B 40 13.46 -13.55 -20.59
N CYS B 41 14.24 -12.58 -20.11
CA CYS B 41 14.28 -12.24 -18.70
C CYS B 41 13.46 -11.01 -18.30
N LEU B 42 12.32 -11.23 -17.65
CA LEU B 42 11.48 -10.14 -17.19
C LEU B 42 12.21 -9.34 -16.11
N GLY B 43 12.89 -10.05 -15.21
CA GLY B 43 13.60 -9.37 -14.15
C GLY B 43 14.63 -8.40 -14.70
N GLN B 44 15.46 -8.86 -15.63
CA GLN B 44 16.48 -8.01 -16.22
C GLN B 44 15.83 -6.83 -16.93
N THR B 45 14.76 -7.11 -17.68
CA THR B 45 14.03 -6.08 -18.41
C THR B 45 13.41 -5.08 -17.43
N LEU B 46 13.20 -5.54 -16.20
CA LEU B 46 12.62 -4.71 -15.16
C LEU B 46 13.73 -3.90 -14.48
N GLY B 47 14.96 -4.13 -14.93
CA GLY B 47 16.09 -3.40 -14.38
C GLY B 47 17.07 -4.17 -13.51
N LEU B 48 16.79 -5.44 -13.24
CA LEU B 48 17.68 -6.25 -12.41
C LEU B 48 18.94 -6.65 -13.15
N SER B 49 20.06 -6.73 -12.42
CA SER B 49 21.31 -7.17 -13.02
C SER B 49 21.06 -8.64 -13.33
N ILE B 50 21.91 -9.24 -14.17
CA ILE B 50 21.75 -10.63 -14.50
C ILE B 50 21.94 -11.47 -13.25
N GLU B 51 22.82 -11.01 -12.36
CA GLU B 51 23.11 -11.71 -11.11
C GLU B 51 21.91 -11.70 -10.16
N GLU B 52 21.19 -10.57 -10.12
CA GLU B 52 20.04 -10.46 -9.23
C GLU B 52 18.88 -11.28 -9.78
N ALA B 53 18.87 -11.45 -11.08
CA ALA B 53 17.82 -12.21 -11.75
C ALA B 53 17.95 -13.70 -11.48
N TYR B 54 19.12 -14.27 -11.71
CA TYR B 54 19.24 -15.71 -11.49
C TYR B 54 19.26 -16.12 -10.03
N ALA B 55 19.51 -15.17 -9.15
CA ALA B 55 19.48 -15.47 -7.72
C ALA B 55 18.02 -15.73 -7.33
N ILE B 56 17.11 -15.38 -8.23
CA ILE B 56 15.69 -15.60 -7.97
C ILE B 56 15.35 -16.93 -8.64
N THR B 57 15.48 -17.99 -7.85
CA THR B 57 15.27 -19.37 -8.28
C THR B 57 13.97 -19.68 -9.00
N PRO B 58 14.06 -20.25 -10.20
CA PRO B 58 12.83 -20.58 -10.94
C PRO B 58 11.97 -21.53 -10.11
N LEU B 59 10.65 -21.32 -10.16
CA LEU B 59 9.69 -22.15 -9.44
C LEU B 59 9.93 -23.64 -9.74
N ILE B 60 10.21 -23.94 -11.01
CA ILE B 60 10.42 -25.29 -11.47
C ILE B 60 11.66 -25.95 -10.88
N GLU B 61 12.65 -25.14 -10.51
CA GLU B 61 13.87 -25.69 -9.96
C GLU B 61 13.91 -25.68 -8.43
N MET B 62 12.75 -25.50 -7.81
CA MET B 62 12.67 -25.48 -6.35
C MET B 62 12.35 -26.89 -5.83
N LYS B 63 13.20 -27.84 -6.17
CA LYS B 63 13.02 -29.24 -5.77
C LYS B 63 12.46 -29.50 -4.37
N ASP B 64 13.17 -29.04 -3.34
CA ASP B 64 12.71 -29.26 -1.97
C ASP B 64 11.26 -28.86 -1.74
N GLU B 65 10.92 -27.63 -2.15
CA GLU B 65 9.56 -27.11 -1.99
C GLU B 65 8.55 -27.92 -2.79
N ILE B 66 8.96 -28.35 -3.98
CA ILE B 66 8.09 -29.12 -4.86
C ILE B 66 7.67 -30.45 -4.24
N ARG B 67 8.64 -31.33 -3.99
CA ARG B 67 8.31 -32.63 -3.43
C ARG B 67 7.51 -32.51 -2.15
N GLU B 68 7.77 -31.47 -1.37
CA GLU B 68 7.00 -31.30 -0.14
C GLU B 68 5.54 -31.03 -0.48
N LYS B 69 5.28 -29.86 -1.05
CA LYS B 69 3.94 -29.44 -1.42
C LYS B 69 3.15 -30.48 -2.21
N THR B 70 3.84 -31.42 -2.84
CA THR B 70 3.15 -32.44 -3.62
C THR B 70 3.29 -33.86 -3.07
N GLY B 71 3.29 -33.99 -1.74
CA GLY B 71 3.40 -35.30 -1.14
C GLY B 71 4.77 -35.95 -1.30
N ASP B 72 5.23 -36.66 -0.27
CA ASP B 72 6.52 -37.31 -0.34
C ASP B 72 6.40 -38.82 -0.22
N GLY B 73 7.13 -39.53 -1.07
CA GLY B 73 7.09 -40.99 -1.03
C GLY B 73 6.11 -41.64 -1.98
N GLY B 74 4.96 -42.05 -1.45
CA GLY B 74 3.97 -42.71 -2.27
C GLY B 74 2.85 -41.82 -2.79
N LEU B 75 2.13 -41.16 -1.89
CA LEU B 75 1.02 -40.30 -2.27
C LEU B 75 1.45 -39.04 -3.01
N LEU B 76 0.55 -38.52 -3.84
CA LEU B 76 0.80 -37.32 -4.63
C LEU B 76 -0.41 -36.39 -4.52
N ILE B 77 -0.17 -35.15 -4.08
CA ILE B 77 -1.26 -34.19 -3.96
C ILE B 77 -1.46 -33.51 -5.31
N LEU B 78 -2.70 -33.48 -5.78
CA LEU B 78 -3.00 -32.90 -7.08
C LEU B 78 -3.15 -31.37 -7.11
N ASN B 79 -3.96 -30.84 -6.20
CA ASN B 79 -4.19 -29.39 -6.13
C ASN B 79 -3.66 -28.81 -4.83
N PRO B 80 -2.32 -28.73 -4.71
CA PRO B 80 -1.59 -28.21 -3.54
C PRO B 80 -2.02 -26.82 -3.09
N LYS B 81 -2.02 -26.60 -1.78
CA LYS B 81 -2.38 -25.31 -1.21
C LYS B 81 -1.08 -24.52 -1.20
N VAL B 82 -1.08 -23.33 -1.79
CA VAL B 82 0.13 -22.54 -1.82
C VAL B 82 -0.08 -21.03 -1.78
N ASP B 83 -1.33 -20.59 -1.83
CA ASP B 83 -1.60 -19.15 -1.82
C ASP B 83 -0.95 -18.42 -0.63
N GLY B 84 -0.81 -19.12 0.48
CA GLY B 84 -0.20 -18.49 1.65
C GLY B 84 1.32 -18.42 1.61
N ASP B 85 1.95 -19.18 0.72
CA ASP B 85 3.41 -19.21 0.63
C ASP B 85 4.05 -18.47 -0.54
N LEU B 86 3.25 -17.76 -1.33
CA LEU B 86 3.78 -17.07 -2.50
C LEU B 86 4.98 -16.15 -2.30
N ASP B 87 4.97 -15.37 -1.23
CA ASP B 87 6.08 -14.45 -0.99
C ASP B 87 7.41 -15.12 -0.66
N LYS B 88 7.43 -16.45 -0.73
CA LYS B 88 8.66 -17.19 -0.47
C LYS B 88 9.19 -17.73 -1.78
N TYR B 89 8.38 -17.59 -2.83
CA TYR B 89 8.77 -18.09 -4.15
C TYR B 89 9.33 -16.99 -5.06
N GLY B 90 9.63 -15.83 -4.49
CA GLY B 90 10.18 -14.75 -5.31
C GLY B 90 10.90 -13.70 -4.50
N ARG B 91 11.20 -12.56 -5.12
CA ARG B 91 11.87 -11.46 -4.45
C ARG B 91 11.18 -10.16 -4.80
N TYR B 92 11.12 -9.25 -3.84
CA TYR B 92 10.56 -7.94 -4.12
C TYR B 92 11.68 -7.25 -4.85
N ILE B 93 11.37 -6.51 -5.91
CA ILE B 93 12.42 -5.78 -6.60
C ILE B 93 12.57 -4.49 -5.82
N ASP B 94 11.43 -3.98 -5.36
CA ASP B 94 11.40 -2.78 -4.57
C ASP B 94 10.21 -2.90 -3.64
N ASP B 95 9.64 -1.77 -3.22
CA ASP B 95 8.52 -1.81 -2.30
C ASP B 95 7.16 -2.15 -2.92
N LYS B 96 7.10 -2.30 -4.23
CA LYS B 96 5.81 -2.60 -4.87
C LYS B 96 5.83 -3.86 -5.75
N ILE B 97 6.90 -4.06 -6.49
CA ILE B 97 7.00 -5.17 -7.44
C ILE B 97 7.63 -6.47 -6.94
N PHE B 98 6.85 -7.54 -6.94
CA PHE B 98 7.33 -8.85 -6.54
C PHE B 98 7.51 -9.75 -7.76
N LEU B 99 8.73 -10.20 -8.01
CA LEU B 99 9.02 -11.03 -9.18
C LEU B 99 9.12 -12.53 -8.92
N ILE B 100 8.39 -13.30 -9.72
CA ILE B 100 8.40 -14.74 -9.62
C ILE B 100 8.78 -15.27 -11.00
N ARG B 101 9.75 -16.18 -11.03
CA ARG B 101 10.22 -16.77 -12.28
C ARG B 101 9.78 -18.23 -12.32
N MET B 102 8.95 -18.56 -13.30
CA MET B 102 8.41 -19.91 -13.48
C MET B 102 9.44 -20.99 -13.81
N GLY B 103 10.24 -20.75 -14.84
CA GLY B 103 11.21 -21.74 -15.24
C GLY B 103 10.58 -22.56 -16.35
N GLU B 104 11.39 -23.18 -17.19
CA GLU B 104 10.86 -23.97 -18.30
C GLU B 104 10.24 -25.30 -17.88
N ILE B 105 9.03 -25.53 -18.37
CA ILE B 105 8.29 -26.76 -18.08
C ILE B 105 8.62 -27.81 -19.13
N LYS B 106 7.90 -28.93 -19.08
CA LYS B 106 8.11 -29.99 -20.06
C LYS B 106 6.88 -30.85 -20.25
N LYS B 107 6.31 -30.77 -21.44
CA LYS B 107 5.11 -31.53 -21.80
C LYS B 107 5.49 -32.74 -22.67
N GLY B 108 4.51 -33.61 -22.92
CA GLY B 108 4.75 -34.79 -23.72
C GLY B 108 4.62 -36.06 -22.92
N GLY B 109 5.13 -36.04 -21.70
CA GLY B 109 5.07 -37.22 -20.86
C GLY B 109 6.21 -38.18 -21.12
N SER B 110 7.17 -37.73 -21.92
CA SER B 110 8.34 -38.56 -22.26
C SER B 110 9.17 -38.81 -21.00
N GLN B 111 8.52 -38.55 -19.87
CA GLN B 111 9.08 -38.73 -18.54
C GLN B 111 7.89 -38.39 -17.63
N CYS B 112 8.14 -38.23 -16.33
CA CYS B 112 7.05 -37.89 -15.43
C CYS B 112 7.34 -36.59 -14.68
N TYR B 113 6.78 -35.51 -15.20
CA TYR B 113 6.95 -34.19 -14.62
C TYR B 113 5.62 -33.65 -14.12
N CYS B 114 4.80 -34.53 -13.56
CA CYS B 114 3.51 -34.11 -13.05
C CYS B 114 3.63 -33.51 -11.65
N ARG B 115 4.79 -33.67 -11.02
CA ARG B 115 4.97 -33.11 -9.70
C ARG B 115 5.26 -31.61 -9.77
N GLU B 116 6.22 -31.22 -10.58
CA GLU B 116 6.56 -29.81 -10.73
C GLU B 116 5.47 -29.06 -11.49
N ASN B 117 5.01 -29.64 -12.60
CA ASN B 117 3.94 -29.03 -13.39
C ASN B 117 2.75 -28.73 -12.49
N SER B 118 2.48 -29.63 -11.57
CA SER B 118 1.38 -29.46 -10.64
C SER B 118 1.67 -28.25 -9.75
N PHE B 119 2.90 -28.17 -9.27
CA PHE B 119 3.34 -27.07 -8.40
C PHE B 119 3.19 -25.74 -9.11
N LEU B 120 3.80 -25.61 -10.29
CA LEU B 120 3.70 -24.36 -11.02
C LEU B 120 2.23 -24.05 -11.20
N GLY B 121 1.45 -25.05 -11.59
CA GLY B 121 0.03 -24.86 -11.80
C GLY B 121 -0.72 -24.33 -10.59
N SER B 122 -0.36 -24.80 -9.41
CA SER B 122 -1.05 -24.33 -8.21
C SER B 122 -0.60 -22.93 -7.82
N VAL B 123 0.56 -22.52 -8.34
CA VAL B 123 1.09 -21.18 -8.06
C VAL B 123 0.38 -20.17 -8.96
N VAL B 124 0.32 -20.48 -10.25
CA VAL B 124 -0.36 -19.60 -11.19
C VAL B 124 -1.82 -19.44 -10.76
N SER B 125 -2.39 -20.52 -10.26
CA SER B 125 -3.78 -20.49 -9.81
C SER B 125 -3.99 -19.61 -8.58
N ALA B 126 -3.08 -19.70 -7.60
CA ALA B 126 -3.21 -18.88 -6.40
C ALA B 126 -3.08 -17.40 -6.79
N LEU B 127 -2.09 -17.10 -7.62
CA LEU B 127 -1.84 -15.74 -8.09
C LEU B 127 -3.07 -15.13 -8.76
N PHE B 128 -3.67 -15.87 -9.67
CA PHE B 128 -4.83 -15.40 -10.41
C PHE B 128 -6.17 -15.49 -9.70
N LEU B 129 -6.35 -16.52 -8.89
CA LEU B 129 -7.63 -16.73 -8.21
C LEU B 129 -7.75 -16.37 -6.74
N ASP B 130 -6.70 -16.59 -5.95
CA ASP B 130 -6.77 -16.30 -4.54
C ASP B 130 -6.19 -14.96 -4.10
N LYS B 131 -5.10 -14.54 -4.75
CA LYS B 131 -4.50 -13.26 -4.39
C LYS B 131 -5.34 -12.11 -4.89
N LYS B 132 -5.46 -11.07 -4.07
CA LYS B 132 -6.23 -9.89 -4.46
C LYS B 132 -5.34 -8.95 -5.24
N GLU B 133 -4.05 -8.98 -4.91
CA GLU B 133 -3.07 -8.11 -5.56
C GLU B 133 -3.02 -8.21 -7.08
N ALA B 134 -2.48 -7.17 -7.71
CA ALA B 134 -2.36 -7.10 -9.15
C ALA B 134 -1.36 -8.13 -9.65
N VAL B 135 -1.60 -8.64 -10.85
CA VAL B 135 -0.70 -9.62 -11.45
C VAL B 135 -0.52 -9.36 -12.92
N VAL B 136 0.72 -9.43 -13.38
CA VAL B 136 1.01 -9.28 -14.79
C VAL B 136 2.00 -10.39 -15.08
N MET B 137 1.55 -11.36 -15.85
CA MET B 137 2.36 -12.52 -16.21
C MET B 137 2.58 -12.55 -17.71
N ASP B 138 3.83 -12.60 -18.15
CA ASP B 138 4.08 -12.68 -19.58
C ASP B 138 4.28 -14.13 -19.96
N MET B 139 4.21 -14.43 -21.27
CA MET B 139 4.36 -15.80 -21.75
C MET B 139 4.49 -15.88 -23.28
N GLY B 140 4.82 -17.09 -23.76
CA GLY B 140 4.96 -17.32 -25.18
C GLY B 140 3.60 -17.37 -25.84
N ALA B 141 3.59 -17.51 -27.17
CA ALA B 141 2.35 -17.54 -27.95
C ALA B 141 1.36 -18.68 -27.65
N GLY B 142 1.87 -19.78 -27.11
CA GLY B 142 1.01 -20.91 -26.80
C GLY B 142 0.25 -20.74 -25.50
N ILE B 143 0.57 -19.67 -24.77
CA ILE B 143 -0.06 -19.38 -23.49
C ILE B 143 -0.39 -20.64 -22.68
N GLU B 144 0.52 -21.60 -22.68
CA GLU B 144 0.34 -22.86 -21.97
C GLU B 144 0.14 -22.76 -20.46
N HIS B 145 0.75 -21.76 -19.83
CA HIS B 145 0.62 -21.60 -18.39
C HIS B 145 -0.83 -21.43 -17.92
N LEU B 146 -1.69 -20.90 -18.77
CA LEU B 146 -3.08 -20.69 -18.38
C LEU B 146 -3.97 -21.91 -18.54
N THR B 147 -5.04 -21.96 -17.76
CA THR B 147 -5.98 -23.07 -17.84
C THR B 147 -7.40 -22.56 -17.96
N ARG B 148 -8.34 -23.48 -17.82
CA ARG B 148 -9.75 -23.17 -17.90
C ARG B 148 -10.11 -22.42 -16.63
N GLY B 149 -9.60 -22.92 -15.51
CA GLY B 149 -9.87 -22.31 -14.22
C GLY B 149 -9.36 -20.90 -14.00
N THR B 150 -8.16 -20.59 -14.48
CA THR B 150 -7.62 -19.25 -14.30
C THR B 150 -8.16 -18.24 -15.30
N ALA B 151 -8.37 -18.69 -16.54
CA ALA B 151 -8.87 -17.82 -17.60
C ALA B 151 -9.98 -16.86 -17.17
N LYS B 152 -10.92 -17.38 -16.39
CA LYS B 152 -12.04 -16.58 -15.92
C LYS B 152 -11.61 -15.47 -14.97
N ALA B 153 -10.37 -15.50 -14.52
CA ALA B 153 -9.87 -14.49 -13.61
C ALA B 153 -9.09 -13.44 -14.37
N VAL B 154 -8.58 -13.82 -15.54
CA VAL B 154 -7.80 -12.94 -16.40
C VAL B 154 -8.65 -11.76 -16.91
N ASP B 155 -8.35 -10.55 -16.45
CA ASP B 155 -9.09 -9.36 -16.86
C ASP B 155 -8.84 -9.06 -18.32
N MET B 156 -7.61 -9.31 -18.76
CA MET B 156 -7.27 -9.09 -20.15
C MET B 156 -6.04 -9.86 -20.57
N MET B 157 -6.09 -10.37 -21.79
CA MET B 157 -4.98 -11.08 -22.37
C MET B 157 -4.46 -10.06 -23.39
N ILE B 158 -3.18 -9.77 -23.35
CA ILE B 158 -2.63 -8.80 -24.28
C ILE B 158 -1.73 -9.52 -25.26
N ALA B 159 -2.14 -9.59 -26.52
CA ALA B 159 -1.33 -10.25 -27.53
C ALA B 159 -0.47 -9.16 -28.12
N VAL B 160 0.84 -9.39 -28.16
CA VAL B 160 1.79 -8.42 -28.69
C VAL B 160 2.25 -8.93 -30.05
N ILE B 161 2.17 -8.08 -31.06
CA ILE B 161 2.56 -8.47 -32.39
C ILE B 161 3.25 -7.32 -33.10
N GLU B 162 3.90 -7.63 -34.22
CA GLU B 162 4.55 -6.59 -35.01
C GLU B 162 3.60 -6.26 -36.18
N PRO B 163 3.81 -5.12 -36.84
CA PRO B 163 2.96 -4.70 -37.96
C PRO B 163 3.11 -5.49 -39.26
N ASN B 164 2.88 -6.80 -39.23
CA ASN B 164 2.99 -7.59 -40.44
C ASN B 164 2.17 -8.88 -40.38
N LEU B 165 1.62 -9.26 -41.53
CA LEU B 165 0.80 -10.46 -41.68
C LEU B 165 1.23 -11.69 -40.90
N ASN B 166 2.47 -12.10 -41.09
CA ASN B 166 2.99 -13.27 -40.41
C ASN B 166 2.79 -13.17 -38.89
N SER B 167 3.04 -11.98 -38.35
CA SER B 167 2.88 -11.74 -36.93
C SER B 167 1.42 -11.53 -36.54
N ILE B 168 0.64 -10.97 -37.46
CA ILE B 168 -0.78 -10.74 -37.22
C ILE B 168 -1.51 -12.07 -37.14
N LYS B 169 -1.01 -13.04 -37.91
CA LYS B 169 -1.58 -14.38 -37.94
C LYS B 169 -1.36 -14.92 -36.53
N THR B 170 -0.15 -14.76 -36.04
CA THR B 170 0.23 -15.21 -34.71
C THR B 170 -0.68 -14.56 -33.70
N GLY B 171 -0.92 -13.26 -33.88
CA GLY B 171 -1.80 -12.54 -32.98
C GLY B 171 -3.13 -13.26 -32.91
N LEU B 172 -3.82 -13.34 -34.04
CA LEU B 172 -5.12 -14.01 -34.12
C LEU B 172 -5.13 -15.37 -33.42
N ASN B 173 -4.14 -16.20 -33.70
CA ASN B 173 -4.09 -17.52 -33.08
C ASN B 173 -4.21 -17.39 -31.56
N ILE B 174 -3.37 -16.52 -30.98
CA ILE B 174 -3.41 -16.28 -29.54
C ILE B 174 -4.82 -15.91 -29.12
N GLU B 175 -5.48 -15.06 -29.91
CA GLU B 175 -6.83 -14.63 -29.60
C GLU B 175 -7.78 -15.84 -29.61
N LYS B 176 -7.47 -16.82 -30.45
CA LYS B 176 -8.28 -18.02 -30.56
C LYS B 176 -8.09 -18.84 -29.29
N LEU B 177 -6.84 -19.24 -29.04
CA LEU B 177 -6.52 -20.01 -27.86
C LEU B 177 -7.14 -19.40 -26.62
N ALA B 178 -6.97 -18.10 -26.46
CA ALA B 178 -7.49 -17.36 -25.31
C ALA B 178 -9.01 -17.41 -25.19
N GLY B 179 -9.70 -17.33 -26.34
CA GLY B 179 -11.14 -17.38 -26.32
C GLY B 179 -11.61 -18.78 -26.00
N ASP B 180 -11.02 -19.77 -26.66
CA ASP B 180 -11.37 -21.17 -26.45
C ASP B 180 -11.04 -21.61 -25.04
N LEU B 181 -10.41 -20.71 -24.28
CA LEU B 181 -10.03 -21.05 -22.92
C LEU B 181 -10.96 -20.39 -21.91
N GLY B 182 -11.70 -19.38 -22.35
CA GLY B 182 -12.60 -18.70 -21.45
C GLY B 182 -12.23 -17.25 -21.17
N ILE B 183 -11.09 -16.79 -21.67
CA ILE B 183 -10.66 -15.40 -21.46
C ILE B 183 -11.56 -14.53 -22.33
N LYS B 184 -12.41 -13.75 -21.68
CA LYS B 184 -13.37 -12.93 -22.40
C LYS B 184 -12.93 -11.55 -22.84
N LYS B 185 -11.63 -11.33 -22.90
CA LYS B 185 -11.17 -10.03 -23.34
C LYS B 185 -9.74 -10.09 -23.82
N VAL B 186 -9.57 -9.97 -25.13
CA VAL B 186 -8.25 -9.99 -25.75
C VAL B 186 -8.05 -8.66 -26.46
N ARG B 187 -6.91 -8.04 -26.23
CA ARG B 187 -6.60 -6.77 -26.86
C ARG B 187 -5.22 -6.87 -27.48
N TYR B 188 -4.95 -6.02 -28.47
CA TYR B 188 -3.67 -6.05 -29.15
C TYR B 188 -2.77 -4.84 -28.86
N VAL B 189 -1.48 -5.08 -28.93
CA VAL B 189 -0.50 -4.02 -28.77
C VAL B 189 0.47 -4.29 -29.91
N ILE B 190 0.55 -3.36 -30.86
CA ILE B 190 1.46 -3.53 -31.99
C ILE B 190 2.76 -2.83 -31.64
N ASN B 191 3.82 -3.62 -31.55
CA ASN B 191 5.13 -3.12 -31.19
C ASN B 191 6.09 -3.09 -32.36
N LYS B 192 7.02 -2.15 -32.33
CA LYS B 192 8.03 -1.99 -33.37
C LYS B 192 7.53 -1.50 -34.71
N VAL B 193 6.58 -0.57 -34.72
CA VAL B 193 6.10 -0.05 -36.00
C VAL B 193 7.16 0.97 -36.40
N ARG B 194 7.58 0.93 -37.66
CA ARG B 194 8.59 1.85 -38.15
C ARG B 194 7.99 2.93 -39.01
N ASN B 195 6.92 2.60 -39.73
CA ASN B 195 6.28 3.58 -40.60
C ASN B 195 4.76 3.57 -40.59
N ILE B 196 4.17 4.45 -41.39
CA ILE B 196 2.74 4.58 -41.48
C ILE B 196 2.09 3.46 -42.31
N LYS B 197 2.84 2.98 -43.29
CA LYS B 197 2.33 1.89 -44.13
C LYS B 197 1.99 0.72 -43.20
N GLU B 198 2.92 0.40 -42.30
CA GLU B 198 2.73 -0.68 -41.33
C GLU B 198 1.51 -0.38 -40.45
N GLU B 199 1.31 0.89 -40.13
CA GLU B 199 0.18 1.30 -39.32
C GLU B 199 -1.14 1.02 -40.03
N LYS B 200 -1.15 1.25 -41.34
CA LYS B 200 -2.34 1.04 -42.14
C LYS B 200 -2.64 -0.44 -42.32
N LEU B 201 -1.60 -1.26 -42.37
CA LEU B 201 -1.77 -2.70 -42.49
C LEU B 201 -2.42 -3.24 -41.23
N ILE B 202 -2.21 -2.53 -40.12
CA ILE B 202 -2.76 -2.92 -38.84
C ILE B 202 -4.26 -2.69 -38.79
N LYS B 203 -4.70 -1.47 -39.06
CA LYS B 203 -6.12 -1.16 -39.04
C LYS B 203 -6.86 -1.90 -40.15
N LYS B 204 -6.11 -2.55 -41.04
CA LYS B 204 -6.70 -3.30 -42.14
C LYS B 204 -7.08 -4.70 -41.71
N HIS B 205 -6.31 -5.29 -40.80
CA HIS B 205 -6.57 -6.63 -40.34
C HIS B 205 -7.15 -6.70 -38.93
N LEU B 206 -7.25 -5.56 -38.26
CA LEU B 206 -7.79 -5.54 -36.91
C LEU B 206 -8.71 -4.36 -36.65
N PRO B 207 -9.77 -4.57 -35.88
CA PRO B 207 -10.70 -3.49 -35.58
C PRO B 207 -10.11 -2.56 -34.52
N GLU B 208 -10.51 -1.29 -34.54
CA GLU B 208 -10.01 -0.29 -33.60
C GLU B 208 -10.31 -0.58 -32.12
N ASP B 209 -11.46 -1.18 -31.85
CA ASP B 209 -11.84 -1.49 -30.47
C ASP B 209 -11.01 -2.63 -29.87
N LYS B 210 -10.31 -3.37 -30.72
CA LYS B 210 -9.48 -4.49 -30.27
C LYS B 210 -8.03 -4.05 -30.05
N ILE B 211 -7.66 -2.93 -30.68
CA ILE B 211 -6.31 -2.40 -30.57
C ILE B 211 -6.18 -1.45 -29.39
N LEU B 212 -5.26 -1.78 -28.50
CA LEU B 212 -5.02 -0.99 -27.30
C LEU B 212 -4.16 0.23 -27.61
N GLY B 213 -3.17 0.04 -28.48
CA GLY B 213 -2.30 1.14 -28.82
C GLY B 213 -1.14 0.64 -29.64
N ILE B 214 -0.25 1.57 -30.02
CA ILE B 214 0.92 1.23 -30.81
C ILE B 214 2.20 1.69 -30.14
N ILE B 215 3.29 0.99 -30.41
CA ILE B 215 4.60 1.34 -29.86
C ILE B 215 5.60 1.36 -31.02
N PRO B 216 6.27 2.51 -31.21
CA PRO B 216 7.25 2.68 -32.28
C PRO B 216 8.55 1.91 -32.09
N TYR B 217 9.15 1.49 -33.19
CA TYR B 217 10.42 0.81 -33.10
C TYR B 217 11.35 1.94 -32.65
N ASN B 218 12.17 1.70 -31.64
CA ASN B 218 13.09 2.74 -31.16
C ASN B 218 14.42 2.10 -30.75
N GLU B 219 15.53 2.72 -31.18
CA GLU B 219 16.87 2.20 -30.89
C GLU B 219 17.25 2.19 -29.40
N LEU B 220 16.52 2.94 -28.59
CA LEU B 220 16.79 2.99 -27.16
C LEU B 220 16.71 1.59 -26.58
N PHE B 221 15.56 0.95 -26.71
CA PHE B 221 15.36 -0.40 -26.20
C PHE B 221 16.61 -1.27 -26.37
N ILE B 222 17.18 -1.28 -27.57
CA ILE B 222 18.41 -2.06 -27.82
C ILE B 222 19.62 -1.47 -27.08
N GLU B 223 19.96 -0.20 -27.34
CA GLU B 223 21.10 0.42 -26.68
C GLU B 223 20.95 0.22 -25.17
N LEU B 224 19.94 0.84 -24.58
CA LEU B 224 19.75 0.70 -23.13
C LEU B 224 19.79 -0.75 -22.67
N SER B 225 19.38 -1.68 -23.53
CA SER B 225 19.38 -3.11 -23.18
C SER B 225 20.79 -3.58 -22.82
N LEU B 226 21.70 -3.55 -23.81
CA LEU B 226 23.08 -3.98 -23.62
C LEU B 226 23.78 -3.38 -22.40
N LYS B 227 23.49 -2.12 -22.08
CA LYS B 227 24.10 -1.49 -20.93
C LYS B 227 23.17 -1.62 -19.72
N GLY B 228 22.22 -2.54 -19.84
CA GLY B 228 21.27 -2.80 -18.78
C GLY B 228 20.84 -1.62 -17.93
N GLU B 229 19.96 -0.78 -18.46
CA GLU B 229 19.48 0.37 -17.74
C GLU B 229 17.96 0.42 -17.75
N GLU B 230 17.39 1.59 -17.54
CA GLU B 230 15.93 1.73 -17.54
C GLU B 230 15.41 2.08 -18.93
N ILE B 231 14.90 1.07 -19.63
CA ILE B 231 14.37 1.27 -20.97
C ILE B 231 13.08 2.08 -20.95
N TRP B 232 12.39 2.08 -19.81
CA TRP B 232 11.13 2.80 -19.71
C TRP B 232 11.13 4.11 -18.92
N GLN B 233 12.09 4.98 -19.22
CA GLN B 233 12.14 6.27 -18.54
C GLN B 233 11.25 7.23 -19.29
N SER B 234 10.88 8.34 -18.65
CA SER B 234 10.03 9.32 -19.31
C SER B 234 10.81 9.97 -20.47
N THR B 235 12.13 9.84 -20.40
CA THR B 235 13.02 10.39 -21.42
C THR B 235 12.88 9.61 -22.72
N ASN B 236 12.28 8.43 -22.62
CA ASN B 236 12.07 7.58 -23.79
C ASN B 236 10.71 7.92 -24.40
N PRO B 237 10.70 8.33 -25.67
CA PRO B 237 9.46 8.69 -26.37
C PRO B 237 8.41 7.58 -26.39
N ALA B 238 8.86 6.35 -26.57
CA ALA B 238 7.95 5.21 -26.62
C ALA B 238 7.15 5.12 -25.33
N PHE B 239 7.68 5.70 -24.27
CA PHE B 239 7.01 5.67 -22.98
C PHE B 239 5.61 6.27 -23.03
N VAL B 240 5.46 7.37 -23.76
CA VAL B 240 4.15 8.02 -23.89
C VAL B 240 3.13 7.02 -24.42
N ASN B 241 3.52 6.29 -25.46
CA ASN B 241 2.67 5.30 -26.10
C ASN B 241 2.21 4.21 -25.13
N LEU B 242 3.15 3.69 -24.34
CA LEU B 242 2.83 2.66 -23.37
C LEU B 242 1.92 3.25 -22.28
N HIS B 243 2.22 4.48 -21.89
CA HIS B 243 1.40 5.13 -20.88
C HIS B 243 -0.05 5.24 -21.36
N ASP B 244 -0.21 5.52 -22.66
CA ASP B 244 -1.55 5.63 -23.27
C ASP B 244 -2.23 4.26 -23.31
N ILE B 245 -1.47 3.26 -23.76
CA ILE B 245 -1.96 1.89 -23.81
C ILE B 245 -2.43 1.47 -22.40
N TYR B 246 -1.64 1.80 -21.38
CA TYR B 246 -1.99 1.44 -20.01
C TYR B 246 -3.31 2.07 -19.56
N GLN B 247 -3.48 3.35 -19.86
CA GLN B 247 -4.70 4.07 -19.46
C GLN B 247 -5.92 3.59 -20.22
N LYS B 248 -5.71 3.19 -21.47
CA LYS B 248 -6.79 2.67 -22.28
C LYS B 248 -7.27 1.38 -21.59
N LEU B 249 -6.31 0.58 -21.13
CA LEU B 249 -6.58 -0.67 -20.42
C LEU B 249 -7.35 -0.40 -19.14
N ARG B 250 -6.90 0.58 -18.36
CA ARG B 250 -7.57 0.90 -17.10
C ARG B 250 -9.00 1.35 -17.38
N LEU B 251 -9.18 2.12 -18.45
CA LEU B 251 -10.51 2.61 -18.80
C LEU B 251 -11.51 1.47 -19.00
N GLU B 252 -11.16 0.45 -19.76
CA GLU B 252 -12.12 -0.62 -19.96
C GLU B 252 -12.17 -1.68 -18.87
N VAL B 253 -11.01 -2.07 -18.34
CA VAL B 253 -10.98 -3.11 -17.31
C VAL B 253 -11.11 -2.60 -15.87
N GLY B 254 -10.82 -1.33 -15.65
CA GLY B 254 -10.91 -0.80 -14.30
C GLY B 254 -9.59 -0.85 -13.57
PB ADP C . -12.36 15.47 15.57
O1B ADP C . -11.58 14.33 16.09
O2B ADP C . -13.31 16.35 16.52
O3B ADP C . -12.08 16.13 14.13
PA ADP C . -13.76 13.08 15.25
O1A ADP C . -14.51 12.69 16.47
O2A ADP C . -12.88 12.19 14.47
O3A ADP C . -13.61 14.66 14.97
O5' ADP C . -14.99 12.96 14.22
C5' ADP C . -15.98 13.99 14.09
C4' ADP C . -17.12 13.41 13.25
O4' ADP C . -16.66 13.19 11.91
C3' ADP C . -17.47 12.05 13.82
O3' ADP C . -18.87 11.96 14.12
C2' ADP C . -17.08 11.06 12.71
O2' ADP C . -18.06 10.02 12.66
C1' ADP C . -17.20 11.93 11.46
N9 ADP C . -16.31 11.41 10.40
C8 ADP C . -14.99 11.31 10.55
N7 ADP C . -14.43 10.90 9.42
C5 ADP C . -15.40 10.74 8.53
C6 ADP C . -15.40 10.35 7.20
N6 ADP C . -14.26 10.09 6.56
N1 ADP C . -16.57 10.28 6.54
C2 ADP C . -17.69 10.58 7.15
N3 ADP C . -17.72 10.96 8.42
C4 ADP C . -16.61 11.06 9.14
PB ADP D . 10.22 -11.20 -26.26
O1B ADP D . 10.03 -10.85 -24.83
O2B ADP D . 11.40 -12.20 -26.74
O3B ADP D . 9.09 -10.92 -27.36
PA ADP D . 11.72 -8.99 -25.58
O1A ADP D . 12.99 -9.45 -24.99
O2A ADP D . 10.81 -8.00 -24.98
O3A ADP D . 11.05 -9.90 -26.72
O5' ADP D . 12.40 -8.02 -26.65
C5' ADP D . 13.18 -8.63 -27.70
C4' ADP D . 14.10 -7.60 -28.35
O4' ADP D . 13.28 -6.58 -28.92
C3' ADP D . 14.94 -6.93 -27.25
O3' ADP D . 16.23 -6.57 -27.75
C2' ADP D . 14.11 -5.68 -26.97
O2' ADP D . 14.93 -4.64 -26.42
C1' ADP D . 13.76 -5.32 -28.40
N9 ADP D . 12.64 -4.35 -28.45
C8 ADP D . 11.52 -4.48 -27.75
N7 ADP D . 10.68 -3.50 -28.06
C5 ADP D . 11.28 -2.73 -28.97
C6 ADP D . 10.91 -1.59 -29.66
N6 ADP D . 9.69 -1.07 -29.46
N1 ADP D . 11.76 -1.03 -30.53
C2 ADP D . 12.95 -1.58 -30.72
N3 ADP D . 13.35 -2.66 -30.10
C4 ADP D . 12.54 -3.27 -29.21
#